data_6P0R
#
_entry.id   6P0R
#
_cell.length_a   146.701
_cell.length_b   63.388
_cell.length_c   65.616
_cell.angle_alpha   90.000
_cell.angle_beta   113.170
_cell.angle_gamma   90.000
#
_symmetry.space_group_name_H-M   'C 1 2 1'
#
loop_
_entity.id
_entity.type
_entity.pdbx_description
1 polymer 'Histone-lysine N-methyltransferase SUV39H2'
2 non-polymer (3S)-1-[2-(5-chloro-2,4-dimethoxyphenyl)imidazo[1,2-a]pyridin-7-yl]-N-[(pyridin-4-yl)methyl]pyrrolidin-3-amine
3 non-polymer 'ZINC ION'
4 non-polymer 'UNKNOWN ATOM OR ION'
5 water water
#
_entity_poly.entity_id   1
_entity_poly.type   'polypeptide(L)'
_entity_poly.pdbx_seq_one_letter_code
;PKDNNKTLKPAIAEYIVKKAKQRIALQRWQDELNRRKNHKGMIFVENTVDLEGPPSDFYYINEYKPAPGISLVNEATFGC
SCTDCFFQKCCPAEAGVLLAYNKNQQIKIPPGTPIYECNSRCQCGPDCPNRIVQKGTQYSLCIFRTSNGRGWGVKTLVKI
KRMSFVMEYVGEVITSEEAERRGQFYDNKGITYLFDLDYESDEFTVDAARYGNVSHFVNHSCDPNLQVFNVFIDNLDTRL
PRIALFSTRTINAGEELTFDYQMKGSGDISSDSIDHSPAKKRVRTVCKCGAVTCRGYLN
;
_entity_poly.pdbx_strand_id   A,B
#
loop_
_chem_comp.id
_chem_comp.type
_chem_comp.name
_chem_comp.formula
NM4 non-polymer (3S)-1-[2-(5-chloro-2,4-dimethoxyphenyl)imidazo[1,2-a]pyridin-7-yl]-N-[(pyridin-4-yl)methyl]pyrrolidin-3-amine 'C25 H26 Cl N5 O2'
UNX non-polymer 'UNKNOWN ATOM OR ION' ?
ZN non-polymer 'ZINC ION' 'Zn 2'
#
# COMPACT_ATOMS: atom_id res chain seq x y z
N ALA A 20 3.88 -24.25 17.45
CA ALA A 20 2.45 -24.33 16.98
C ALA A 20 1.81 -22.96 16.99
N LYS A 21 1.86 -22.29 18.15
CA LYS A 21 1.34 -20.92 18.31
C LYS A 21 2.26 -19.84 17.67
N GLN A 22 3.53 -20.18 17.43
CA GLN A 22 4.46 -19.31 16.71
C GLN A 22 4.18 -19.37 15.20
N ARG A 23 4.02 -20.59 14.66
CA ARG A 23 3.74 -20.77 13.22
C ARG A 23 2.46 -20.04 12.78
N ILE A 24 1.46 -19.99 13.66
CA ILE A 24 0.21 -19.28 13.38
C ILE A 24 0.42 -17.76 13.36
N ALA A 25 1.23 -17.26 14.31
CA ALA A 25 1.51 -15.80 14.39
C ALA A 25 2.33 -15.30 13.19
N LEU A 26 3.34 -16.08 12.79
CA LEU A 26 4.17 -15.75 11.63
C LEU A 26 3.39 -15.82 10.31
N GLN A 27 2.53 -16.82 10.16
CA GLN A 27 1.67 -16.95 8.97
C GLN A 27 0.67 -15.77 8.85
N ARG A 28 0.13 -15.31 9.99
CA ARG A 28 -0.84 -14.20 9.98
C ARG A 28 -0.14 -12.88 9.65
N TRP A 29 1.07 -12.68 10.19
CA TRP A 29 1.88 -11.52 9.81
C TRP A 29 2.30 -11.58 8.33
N GLN A 30 2.67 -12.78 7.84
CA GLN A 30 2.92 -12.97 6.39
C GLN A 30 1.71 -12.52 5.56
N ASP A 31 0.51 -12.99 5.96
CA ASP A 31 -0.74 -12.63 5.26
C ASP A 31 -1.03 -11.12 5.30
N GLU A 32 -0.79 -10.49 6.44
CA GLU A 32 -0.91 -9.03 6.57
C GLU A 32 0.09 -8.30 5.67
N LEU A 33 1.33 -8.79 5.61
CA LEU A 33 2.35 -8.23 4.72
C LEU A 33 1.94 -8.30 3.24
N ASN A 34 1.39 -9.44 2.82
CA ASN A 34 0.95 -9.62 1.43
C ASN A 34 -0.34 -8.84 1.10
N ARG A 35 -1.10 -8.44 2.13
CA ARG A 35 -2.24 -7.52 1.94
C ARG A 35 -1.76 -6.06 1.76
N ARG A 36 -0.80 -5.62 2.57
CA ARG A 36 -0.27 -4.23 2.47
C ARG A 36 0.48 -3.98 1.15
N LYS A 37 1.35 -4.90 0.78
CA LYS A 37 2.19 -4.74 -0.42
C LYS A 37 1.37 -4.71 -1.71
N ASN A 38 1.78 -3.84 -2.63
CA ASN A 38 1.08 -3.65 -3.92
C ASN A 38 1.81 -4.25 -5.17
N HIS A 39 3.08 -4.64 -5.02
CA HIS A 39 3.87 -5.21 -6.15
C HIS A 39 3.56 -6.71 -6.44
N LYS A 40 4.13 -7.23 -7.53
CA LYS A 40 3.93 -8.64 -7.98
C LYS A 40 4.53 -9.65 -7.00
N GLY A 41 5.85 -9.61 -6.83
CA GLY A 41 6.59 -10.55 -6.00
C GLY A 41 5.96 -10.83 -4.64
N MET A 42 5.93 -12.12 -4.27
CA MET A 42 5.38 -12.54 -2.99
C MET A 42 6.35 -12.23 -1.85
N ILE A 43 5.81 -12.17 -0.64
CA ILE A 43 6.59 -12.03 0.59
C ILE A 43 6.29 -13.24 1.48
N PHE A 44 7.33 -13.97 1.88
CA PHE A 44 7.18 -15.11 2.80
C PHE A 44 7.87 -14.81 4.11
N VAL A 45 7.49 -15.54 5.15
CA VAL A 45 8.08 -15.38 6.48
C VAL A 45 8.48 -16.74 7.01
N GLU A 46 9.68 -16.81 7.57
CA GLU A 46 10.29 -18.07 8.02
C GLU A 46 11.03 -17.87 9.35
N ASN A 47 10.82 -18.78 10.29
CA ASN A 47 11.66 -18.85 11.49
C ASN A 47 11.85 -20.30 11.90
N THR A 48 13.03 -20.84 11.61
CA THR A 48 13.42 -22.21 11.97
C THR A 48 14.59 -22.21 12.96
N VAL A 49 14.65 -21.17 13.80
CA VAL A 49 15.79 -20.94 14.70
C VAL A 49 15.36 -20.77 16.18
N ASP A 50 14.32 -19.99 16.43
CA ASP A 50 13.93 -19.64 17.79
C ASP A 50 12.41 -19.38 17.91
N LEU A 51 11.96 -18.97 19.09
CA LEU A 51 10.53 -18.72 19.36
C LEU A 51 10.02 -17.31 18.99
N GLU A 52 10.93 -16.41 18.54
CA GLU A 52 10.53 -15.02 18.23
C GLU A 52 9.43 -14.95 17.16
N GLY A 53 8.37 -14.21 17.48
CA GLY A 53 7.23 -14.00 16.59
C GLY A 53 7.29 -12.65 15.87
N PRO A 54 6.16 -12.23 15.28
CA PRO A 54 6.12 -11.02 14.46
C PRO A 54 6.54 -9.75 15.23
N PRO A 55 7.18 -8.79 14.54
CA PRO A 55 7.43 -7.49 15.16
C PRO A 55 6.16 -6.62 15.18
N SER A 56 5.88 -6.03 16.35
CA SER A 56 4.89 -4.96 16.47
C SER A 56 5.50 -3.60 16.04
N ASP A 57 6.83 -3.55 15.98
CA ASP A 57 7.59 -2.34 15.57
C ASP A 57 7.32 -1.85 14.11
N PHE A 58 6.68 -2.67 13.27
CA PHE A 58 6.74 -2.50 11.82
C PHE A 58 5.35 -2.35 11.16
N TYR A 59 5.19 -1.29 10.36
CA TYR A 59 4.05 -1.08 9.48
C TYR A 59 4.54 -1.03 8.01
N TYR A 60 3.95 -1.86 7.15
CA TYR A 60 4.40 -1.97 5.73
C TYR A 60 3.82 -0.85 4.87
N ILE A 61 4.68 -0.19 4.09
CA ILE A 61 4.28 0.88 3.16
C ILE A 61 4.94 0.67 1.79
N ASN A 62 4.22 1.01 0.72
CA ASN A 62 4.70 0.82 -0.66
C ASN A 62 5.45 2.03 -1.19
N GLU A 63 5.28 3.18 -0.54
CA GLU A 63 5.93 4.44 -0.96
C GLU A 63 6.21 5.34 0.25
N TYR A 64 6.94 6.43 0.01
CA TYR A 64 7.32 7.37 1.05
C TYR A 64 6.10 7.87 1.85
N LYS A 65 6.27 7.99 3.16
CA LYS A 65 5.26 8.59 4.05
C LYS A 65 5.80 9.93 4.50
N PRO A 66 5.10 11.04 4.15
CA PRO A 66 5.58 12.33 4.65
C PRO A 66 5.38 12.49 6.16
N ALA A 67 6.38 13.05 6.84
CA ALA A 67 6.18 13.57 8.20
C ALA A 67 5.28 14.82 8.12
N PRO A 68 4.71 15.26 9.27
CA PRO A 68 3.91 16.50 9.21
C PRO A 68 4.83 17.69 8.93
N GLY A 69 4.64 18.33 7.76
CA GLY A 69 5.49 19.45 7.31
C GLY A 69 6.14 19.27 5.94
N ILE A 70 6.34 18.01 5.52
CA ILE A 70 6.86 17.71 4.19
C ILE A 70 5.71 17.51 3.20
N SER A 71 5.90 18.04 1.99
CA SER A 71 4.97 17.83 0.90
C SER A 71 5.74 17.19 -0.24
N LEU A 72 5.37 15.95 -0.58
CA LEU A 72 6.01 15.20 -1.68
C LEU A 72 5.09 15.17 -2.90
N VAL A 73 4.93 16.32 -3.55
CA VAL A 73 4.07 16.46 -4.72
C VAL A 73 4.67 15.81 -5.98
N ASN A 74 3.92 14.90 -6.61
CA ASN A 74 4.30 14.32 -7.89
C ASN A 74 3.96 15.31 -9.00
N GLU A 75 4.88 16.24 -9.26
CA GLU A 75 4.61 17.47 -10.04
C GLU A 75 5.19 17.46 -11.49
N ALA A 76 5.09 16.32 -12.18
CA ALA A 76 5.54 16.20 -13.58
C ALA A 76 4.40 16.49 -14.55
N THR A 77 4.58 17.50 -15.40
CA THR A 77 3.57 17.95 -16.37
C THR A 77 3.88 17.56 -17.85
N PHE A 78 5.12 17.13 -18.15
CA PHE A 78 5.49 16.73 -19.51
C PHE A 78 6.31 15.44 -19.53
N GLY A 79 6.06 14.62 -20.54
CA GLY A 79 6.82 13.40 -20.79
C GLY A 79 7.34 13.40 -22.21
N CYS A 80 7.79 12.25 -22.65
CA CYS A 80 8.30 12.08 -24.00
C CYS A 80 7.20 11.67 -24.93
N SER A 81 7.48 11.71 -26.23
CA SER A 81 6.57 11.26 -27.26
C SER A 81 7.23 10.24 -28.19
N CYS A 82 8.26 9.50 -27.69
CA CYS A 82 8.89 8.44 -28.48
C CYS A 82 7.88 7.35 -28.83
N THR A 83 8.08 6.71 -29.97
CA THR A 83 7.46 5.42 -30.26
C THR A 83 8.39 4.25 -29.81
N ASP A 84 9.71 4.51 -29.82
CA ASP A 84 10.74 3.58 -29.27
C ASP A 84 11.64 4.34 -28.28
N CYS A 85 11.34 4.20 -26.99
CA CYS A 85 12.06 4.95 -25.95
C CYS A 85 13.51 4.52 -25.74
N PHE A 86 13.87 3.33 -26.21
CA PHE A 86 15.26 2.86 -26.14
C PHE A 86 16.16 3.59 -27.13
N PHE A 87 15.69 3.70 -28.39
CA PHE A 87 16.47 4.31 -29.46
C PHE A 87 16.36 5.84 -29.48
N GLN A 88 15.18 6.37 -29.21
CA GLN A 88 14.92 7.80 -29.36
C GLN A 88 15.43 8.60 -28.15
N LYS A 89 15.75 9.88 -28.38
CA LYS A 89 16.07 10.81 -27.30
C LYS A 89 14.82 10.98 -26.47
N CYS A 90 14.92 10.59 -25.21
CA CYS A 90 13.78 10.28 -24.39
C CYS A 90 13.86 11.14 -23.12
N CYS A 91 13.06 10.78 -22.10
CA CYS A 91 13.05 11.50 -20.80
C CYS A 91 14.46 11.77 -20.22
N PRO A 92 15.36 10.75 -20.20
CA PRO A 92 16.74 10.97 -19.71
C PRO A 92 17.51 12.05 -20.47
N ALA A 93 17.46 12.00 -21.81
CA ALA A 93 18.05 13.06 -22.65
C ALA A 93 17.48 14.47 -22.33
N GLU A 94 16.18 14.56 -22.12
CA GLU A 94 15.54 15.84 -21.73
C GLU A 94 16.06 16.35 -20.36
N ALA A 95 16.38 15.43 -19.45
CA ALA A 95 16.96 15.75 -18.15
C ALA A 95 18.48 15.97 -18.20
N GLY A 96 19.10 15.69 -19.35
CA GLY A 96 20.53 15.91 -19.57
C GLY A 96 21.43 14.72 -19.28
N VAL A 97 20.85 13.50 -19.21
CA VAL A 97 21.61 12.27 -18.86
C VAL A 97 21.33 11.05 -19.79
N LEU A 98 22.04 9.96 -19.54
CA LEU A 98 21.89 8.74 -20.29
C LEU A 98 20.73 7.88 -19.80
N LEU A 99 20.17 7.10 -20.72
CA LEU A 99 19.20 6.06 -20.43
C LEU A 99 19.83 5.03 -19.47
N ALA A 100 19.11 4.72 -18.40
CA ALA A 100 19.64 3.84 -17.35
C ALA A 100 19.86 2.39 -17.82
N TYR A 101 18.96 1.90 -18.68
CA TYR A 101 18.76 0.45 -18.86
C TYR A 101 19.10 -0.04 -20.24
N ASN A 102 19.46 -1.32 -20.33
CA ASN A 102 19.46 -2.05 -21.62
C ASN A 102 18.05 -2.59 -21.91
N LYS A 103 17.88 -3.29 -23.04
CA LYS A 103 16.57 -3.89 -23.38
C LYS A 103 16.17 -5.10 -22.50
N ASN A 104 17.10 -5.62 -21.67
CA ASN A 104 16.79 -6.69 -20.71
C ASN A 104 16.64 -6.18 -19.24
N GLN A 105 16.15 -4.93 -19.08
CA GLN A 105 15.83 -4.37 -17.75
C GLN A 105 17.03 -4.37 -16.78
N GLN A 106 18.24 -4.15 -17.29
CA GLN A 106 19.45 -4.09 -16.44
C GLN A 106 20.07 -2.71 -16.53
N ILE A 107 20.43 -2.17 -15.37
CA ILE A 107 21.02 -0.84 -15.29
C ILE A 107 22.47 -0.86 -15.80
N LYS A 108 22.82 0.13 -16.60
CA LYS A 108 24.18 0.24 -17.14
C LYS A 108 24.78 1.64 -17.01
N ILE A 109 24.27 2.43 -16.08
CA ILE A 109 24.85 3.74 -15.75
C ILE A 109 25.63 3.59 -14.45
N PRO A 110 26.68 4.42 -14.26
CA PRO A 110 27.50 4.28 -13.05
C PRO A 110 26.81 4.83 -11.78
N PRO A 111 27.24 4.36 -10.59
CA PRO A 111 26.78 4.95 -9.32
C PRO A 111 26.84 6.48 -9.30
N GLY A 112 25.86 7.12 -8.67
CA GLY A 112 25.76 8.58 -8.60
C GLY A 112 24.96 9.22 -9.71
N THR A 113 24.75 8.48 -10.82
CA THR A 113 23.98 8.96 -11.98
C THR A 113 22.47 8.71 -11.75
N PRO A 114 21.61 9.75 -11.95
CA PRO A 114 20.20 9.59 -11.64
C PRO A 114 19.45 8.78 -12.69
N ILE A 115 18.40 8.06 -12.29
CA ILE A 115 17.47 7.38 -13.20
C ILE A 115 16.25 8.27 -13.44
N TYR A 116 16.06 8.68 -14.69
CA TYR A 116 14.87 9.39 -15.09
C TYR A 116 14.01 8.47 -15.93
N GLU A 117 12.94 7.96 -15.31
CA GLU A 117 12.03 7.04 -15.97
C GLU A 117 10.93 7.81 -16.63
N CYS A 118 10.24 7.13 -17.55
CA CYS A 118 9.01 7.63 -18.14
C CYS A 118 7.93 7.65 -17.09
N ASN A 119 6.94 8.50 -17.31
CA ASN A 119 5.96 8.88 -16.29
C ASN A 119 4.54 8.88 -16.87
N SER A 120 3.57 9.35 -16.09
CA SER A 120 2.15 9.36 -16.52
C SER A 120 1.85 10.30 -17.70
N ARG A 121 2.76 11.26 -17.97
CA ARG A 121 2.60 12.22 -19.04
C ARG A 121 3.27 11.77 -20.35
N CYS A 122 4.07 10.69 -20.30
CA CYS A 122 4.68 10.11 -21.51
C CYS A 122 3.63 9.36 -22.31
N GLN A 123 3.85 9.22 -23.61
CA GLN A 123 2.92 8.49 -24.49
C GLN A 123 3.11 6.99 -24.43
N CYS A 124 4.33 6.54 -24.17
CA CYS A 124 4.65 5.10 -24.16
C CYS A 124 3.84 4.31 -23.10
N GLY A 125 3.51 3.06 -23.43
CA GLY A 125 2.79 2.14 -22.53
C GLY A 125 3.70 1.50 -21.48
N PRO A 126 3.13 0.57 -20.67
CA PRO A 126 3.89 -0.04 -19.54
C PRO A 126 5.08 -0.93 -19.98
N ASP A 127 5.00 -1.47 -21.19
CA ASP A 127 6.12 -2.23 -21.79
C ASP A 127 7.38 -1.40 -22.20
N CYS A 128 7.35 -0.07 -21.99
CA CYS A 128 8.52 0.79 -22.21
C CYS A 128 9.72 0.31 -21.38
N PRO A 129 10.91 0.18 -22.01
CA PRO A 129 12.10 -0.29 -21.28
C PRO A 129 12.70 0.72 -20.29
N ASN A 130 12.24 1.98 -20.33
CA ASN A 130 12.51 2.98 -19.28
C ASN A 130 11.39 3.06 -18.20
N ARG A 131 10.57 2.01 -18.08
CA ARG A 131 9.58 1.88 -16.99
C ARG A 131 9.87 0.61 -16.17
N ILE A 132 10.79 0.72 -15.22
CA ILE A 132 11.28 -0.44 -14.44
C ILE A 132 10.97 -0.30 -12.95
N VAL A 133 11.56 0.69 -12.29
CA VAL A 133 11.33 0.88 -10.86
C VAL A 133 9.82 0.98 -10.54
N GLN A 134 9.10 1.71 -11.39
CA GLN A 134 7.67 1.99 -11.19
C GLN A 134 6.75 0.74 -11.31
N LYS A 135 7.20 -0.30 -12.01
CA LYS A 135 6.51 -1.60 -12.03
C LYS A 135 6.43 -2.26 -10.64
N GLY A 136 7.40 -1.95 -9.78
CA GLY A 136 7.47 -2.51 -8.45
C GLY A 136 8.27 -3.80 -8.44
N THR A 137 8.52 -4.31 -7.24
CA THR A 137 9.32 -5.53 -7.03
C THR A 137 8.71 -6.72 -7.79
N GLN A 138 9.51 -7.33 -8.67
CA GLN A 138 9.14 -8.55 -9.42
C GLN A 138 9.53 -9.84 -8.69
N TYR A 139 10.56 -9.75 -7.84
CA TYR A 139 11.12 -10.94 -7.18
C TYR A 139 10.41 -11.28 -5.87
N SER A 140 10.24 -12.60 -5.65
CA SER A 140 9.67 -13.10 -4.43
C SER A 140 10.76 -13.29 -3.39
N LEU A 141 10.51 -12.71 -2.21
CA LEU A 141 11.50 -12.59 -1.16
C LEU A 141 10.98 -13.21 0.12
N CYS A 142 11.89 -13.62 0.98
CA CYS A 142 11.52 -14.21 2.24
C CYS A 142 12.18 -13.47 3.41
N ILE A 143 11.37 -12.96 4.34
CA ILE A 143 11.88 -12.46 5.61
C ILE A 143 12.12 -13.69 6.50
N PHE A 144 13.37 -13.90 6.93
CA PHE A 144 13.75 -15.12 7.66
C PHE A 144 14.57 -14.77 8.90
N ARG A 145 14.56 -15.68 9.86
CA ARG A 145 15.33 -15.50 11.08
C ARG A 145 16.74 -16.00 10.85
N THR A 146 17.73 -15.14 11.13
CA THR A 146 19.14 -15.53 10.95
C THR A 146 19.53 -16.53 12.03
N SER A 147 20.47 -17.41 11.70
CA SER A 147 20.93 -18.46 12.61
C SER A 147 22.17 -18.07 13.44
N ASN A 148 22.62 -16.81 13.34
CA ASN A 148 23.86 -16.36 14.01
C ASN A 148 23.68 -15.02 14.73
N GLY A 149 22.50 -14.80 15.33
CA GLY A 149 22.27 -13.64 16.19
C GLY A 149 22.08 -12.30 15.51
N ARG A 150 21.96 -12.27 14.18
CA ARG A 150 21.77 -11.02 13.45
C ARG A 150 20.28 -10.60 13.34
N GLY A 151 19.37 -11.42 13.90
CA GLY A 151 17.95 -11.08 13.99
C GLY A 151 17.19 -11.57 12.78
N TRP A 152 16.30 -10.72 12.26
CA TRP A 152 15.64 -10.98 10.98
C TRP A 152 16.59 -10.65 9.83
N GLY A 153 16.34 -11.28 8.69
CA GLY A 153 17.05 -11.00 7.45
C GLY A 153 16.15 -11.19 6.24
N VAL A 154 16.67 -10.88 5.05
CA VAL A 154 15.92 -11.04 3.81
C VAL A 154 16.72 -11.88 2.82
N LYS A 155 16.05 -12.83 2.16
CA LYS A 155 16.66 -13.61 1.08
C LYS A 155 15.77 -13.65 -0.09
N THR A 156 16.31 -14.06 -1.22
CA THR A 156 15.52 -14.28 -2.41
C THR A 156 15.18 -15.76 -2.51
N LEU A 157 13.95 -16.02 -2.95
CA LEU A 157 13.50 -17.37 -3.28
C LEU A 157 13.64 -17.68 -4.80
N VAL A 158 14.12 -16.70 -5.58
CA VAL A 158 14.28 -16.84 -7.03
C VAL A 158 15.61 -16.22 -7.46
N LYS A 159 16.09 -16.61 -8.65
CA LYS A 159 17.32 -16.04 -9.20
C LYS A 159 17.11 -14.58 -9.57
N ILE A 160 18.06 -13.74 -9.14
CA ILE A 160 18.07 -12.32 -9.44
C ILE A 160 19.22 -12.04 -10.41
N LYS A 161 18.88 -11.59 -11.61
CA LYS A 161 19.89 -11.22 -12.61
C LYS A 161 20.75 -10.06 -12.13
N ARG A 162 22.00 -10.03 -12.56
CA ARG A 162 22.90 -8.94 -12.27
C ARG A 162 22.33 -7.59 -12.74
N MET A 163 22.52 -6.55 -11.92
CA MET A 163 22.05 -5.18 -12.25
C MET A 163 20.52 -5.06 -12.47
N SER A 164 19.75 -5.90 -11.79
CA SER A 164 18.27 -5.92 -11.88
C SER A 164 17.69 -5.12 -10.74
N PHE A 165 16.52 -4.52 -10.97
CA PHE A 165 15.79 -3.88 -9.90
C PHE A 165 15.28 -4.92 -8.91
N VAL A 166 15.40 -4.62 -7.61
CA VAL A 166 14.93 -5.50 -6.53
C VAL A 166 13.79 -4.82 -5.75
N MET A 167 14.08 -3.69 -5.12
CA MET A 167 13.08 -2.96 -4.31
C MET A 167 13.55 -1.55 -4.01
N GLU A 168 12.59 -0.65 -3.75
CA GLU A 168 12.92 0.70 -3.28
C GLU A 168 13.11 0.69 -1.79
N TYR A 169 13.92 1.62 -1.28
CA TYR A 169 14.01 1.88 0.15
C TYR A 169 12.98 2.93 0.46
N VAL A 170 12.03 2.59 1.33
CA VAL A 170 10.96 3.51 1.69
C VAL A 170 10.91 3.67 3.19
N GLY A 171 10.33 4.78 3.62
CA GLY A 171 10.22 5.11 5.03
C GLY A 171 9.42 6.37 5.21
N GLU A 172 9.55 7.00 6.37
CA GLU A 172 8.98 8.30 6.58
C GLU A 172 10.06 9.36 6.22
N VAL A 173 9.68 10.33 5.39
CA VAL A 173 10.61 11.38 4.93
C VAL A 173 10.64 12.53 5.96
N ILE A 174 11.85 12.91 6.39
CA ILE A 174 12.04 13.86 7.48
C ILE A 174 13.17 14.85 7.18
N THR A 175 13.29 15.88 8.00
CA THR A 175 14.33 16.90 7.81
C THR A 175 15.66 16.40 8.37
N SER A 176 16.74 17.09 7.98
CA SER A 176 18.10 16.74 8.43
C SER A 176 18.30 16.96 9.93
N GLU A 177 17.51 17.87 10.52
CA GLU A 177 17.54 18.14 11.98
C GLU A 177 16.84 17.02 12.77
N GLU A 178 15.67 16.57 12.29
CA GLU A 178 14.98 15.39 12.87
C GLU A 178 15.92 14.18 12.82
N ALA A 179 16.50 13.93 11.64
CA ALA A 179 17.41 12.79 11.43
C ALA A 179 18.68 12.88 12.28
N GLU A 180 19.20 14.09 12.45
CA GLU A 180 20.34 14.34 13.36
C GLU A 180 19.93 14.13 14.83
N ARG A 181 18.70 14.53 15.18
CA ARG A 181 18.14 14.28 16.52
C ARG A 181 17.89 12.78 16.77
N ARG A 182 17.13 12.16 15.87
CA ARG A 182 16.79 10.71 15.98
C ARG A 182 18.02 9.79 15.94
N GLY A 183 19.09 10.23 15.28
CA GLY A 183 20.35 9.47 15.23
C GLY A 183 21.09 9.29 16.55
N GLN A 184 20.81 10.15 17.53
CA GLN A 184 21.44 10.07 18.86
C GLN A 184 20.89 8.91 19.71
N PHE A 185 19.72 8.38 19.34
CA PHE A 185 19.22 7.10 19.88
C PHE A 185 20.05 5.96 19.28
N TYR A 186 20.97 5.41 20.08
CA TYR A 186 21.89 4.36 19.61
C TYR A 186 21.25 2.98 19.70
N GLY A 190 26.79 3.86 14.33
CA GLY A 190 26.36 4.22 12.99
C GLY A 190 25.76 3.04 12.23
N ILE A 191 24.82 2.35 12.87
CA ILE A 191 24.00 1.35 12.22
C ILE A 191 22.55 1.79 12.46
N THR A 192 21.93 2.34 11.40
CA THR A 192 20.68 3.10 11.53
C THR A 192 19.69 2.81 10.39
N TYR A 193 18.44 3.25 10.58
CA TYR A 193 17.40 3.23 9.54
C TYR A 193 17.31 4.55 8.75
N LEU A 194 18.23 5.48 9.02
CA LEU A 194 18.21 6.79 8.38
C LEU A 194 19.03 6.74 7.09
N PHE A 195 18.41 7.16 5.97
CA PHE A 195 19.12 7.28 4.70
C PHE A 195 18.97 8.70 4.14
N ASP A 196 20.08 9.43 4.05
CA ASP A 196 20.07 10.80 3.52
C ASP A 196 19.83 10.77 2.03
N LEU A 197 18.86 11.55 1.58
CA LEU A 197 18.63 11.79 0.16
C LEU A 197 19.55 12.91 -0.32
N ASP A 198 20.87 12.69 -0.21
CA ASP A 198 21.88 13.72 -0.43
C ASP A 198 22.54 13.60 -1.81
N TYR A 199 21.74 13.20 -2.80
CA TYR A 199 22.11 13.28 -4.21
C TYR A 199 22.55 14.71 -4.57
N GLU A 200 21.69 15.68 -4.30
CA GLU A 200 22.00 17.11 -4.52
C GLU A 200 21.69 18.07 -3.36
N SER A 201 20.84 17.67 -2.41
CA SER A 201 20.49 18.50 -1.25
C SER A 201 20.70 17.74 0.04
N ASP A 202 21.11 18.47 1.08
CA ASP A 202 21.23 17.90 2.42
C ASP A 202 19.95 18.08 3.29
N GLU A 203 18.84 18.50 2.66
CA GLU A 203 17.63 18.88 3.38
C GLU A 203 16.79 17.73 3.92
N PHE A 204 16.81 16.57 3.25
CA PHE A 204 15.86 15.47 3.55
C PHE A 204 16.47 14.08 3.75
N THR A 205 15.80 13.29 4.60
CA THR A 205 16.27 11.97 5.03
C THR A 205 15.08 11.00 5.09
N VAL A 206 15.35 9.71 4.88
CA VAL A 206 14.33 8.65 4.94
C VAL A 206 14.58 7.84 6.20
N ASP A 207 13.55 7.72 7.04
CA ASP A 207 13.61 6.90 8.26
C ASP A 207 12.67 5.72 8.13
N ALA A 208 13.24 4.52 8.12
CA ALA A 208 12.47 3.28 7.93
C ALA A 208 12.22 2.49 9.23
N ALA A 209 12.41 3.12 10.39
CA ALA A 209 12.37 2.41 11.69
C ALA A 209 10.97 1.91 12.06
N ARG A 210 9.96 2.75 11.87
CA ARG A 210 8.56 2.38 12.10
C ARG A 210 7.92 1.91 10.81
N TYR A 211 7.97 2.75 9.78
CA TYR A 211 7.34 2.48 8.48
C TYR A 211 8.39 2.09 7.44
N GLY A 212 8.07 1.11 6.60
CA GLY A 212 8.97 0.68 5.53
C GLY A 212 8.42 -0.49 4.74
N ASN A 213 9.23 -1.03 3.81
CA ASN A 213 8.90 -2.29 3.10
C ASN A 213 9.89 -3.39 3.53
N VAL A 214 10.14 -4.43 2.71
CA VAL A 214 11.01 -5.54 3.15
C VAL A 214 12.50 -5.12 3.32
N SER A 215 12.89 -3.98 2.73
CA SER A 215 14.24 -3.44 2.94
C SER A 215 14.53 -3.04 4.39
N HIS A 216 13.48 -2.80 5.18
CA HIS A 216 13.59 -2.63 6.65
C HIS A 216 14.36 -3.81 7.29
N PHE A 217 14.13 -5.01 6.78
CA PHE A 217 14.71 -6.23 7.38
C PHE A 217 16.05 -6.66 6.80
N VAL A 218 16.58 -5.92 5.81
CA VAL A 218 17.86 -6.29 5.15
C VAL A 218 19.04 -6.07 6.11
N ASN A 219 19.97 -7.04 6.14
CA ASN A 219 21.16 -6.96 7.02
C ASN A 219 22.32 -6.24 6.36
N HIS A 220 23.21 -5.73 7.21
CA HIS A 220 24.39 -5.00 6.74
C HIS A 220 25.46 -5.98 6.25
N SER A 221 26.24 -5.55 5.26
CA SER A 221 27.43 -6.28 4.84
C SER A 221 28.48 -5.36 4.22
N CYS A 222 29.75 -5.70 4.45
CA CYS A 222 30.87 -5.04 3.76
C CYS A 222 31.06 -5.58 2.33
N ASP A 223 30.38 -6.68 1.99
CA ASP A 223 30.26 -7.14 0.60
C ASP A 223 28.77 -7.21 0.21
N PRO A 224 28.13 -6.04 0.02
CA PRO A 224 26.71 -6.00 -0.27
C PRO A 224 26.44 -6.46 -1.71
N ASN A 225 25.29 -7.08 -1.92
CA ASN A 225 24.83 -7.44 -3.26
C ASN A 225 23.71 -6.49 -3.75
N LEU A 226 23.44 -5.43 -2.99
CA LEU A 226 22.51 -4.35 -3.42
C LEU A 226 23.24 -3.00 -3.50
N GLN A 227 22.81 -2.17 -4.46
CA GLN A 227 23.35 -0.80 -4.61
C GLN A 227 22.21 0.19 -4.90
N VAL A 228 22.44 1.45 -4.54
CA VAL A 228 21.44 2.48 -4.56
C VAL A 228 21.56 3.32 -5.84
N PHE A 229 20.40 3.64 -6.41
CA PHE A 229 20.28 4.69 -7.41
C PHE A 229 19.16 5.64 -7.00
N ASN A 230 19.31 6.91 -7.40
CA ASN A 230 18.27 7.92 -7.25
C ASN A 230 17.33 7.82 -8.45
N VAL A 231 16.03 7.93 -8.17
CA VAL A 231 15.00 7.68 -9.17
C VAL A 231 14.03 8.87 -9.23
N PHE A 232 13.74 9.31 -10.45
CA PHE A 232 12.76 10.35 -10.72
C PHE A 232 11.78 9.83 -11.74
N ILE A 233 10.51 9.72 -11.32
CA ILE A 233 9.42 9.25 -12.17
C ILE A 233 8.47 10.44 -12.36
N ASP A 234 7.43 10.58 -11.54
CA ASP A 234 6.56 11.76 -11.54
C ASP A 234 7.19 12.85 -10.66
N ASN A 235 7.87 12.44 -9.59
CA ASN A 235 8.72 13.34 -8.80
C ASN A 235 9.87 13.85 -9.66
N LEU A 236 10.04 15.17 -9.75
CA LEU A 236 11.22 15.77 -10.43
C LEU A 236 12.06 16.68 -9.54
N ASP A 237 11.57 16.93 -8.32
CA ASP A 237 12.29 17.72 -7.32
C ASP A 237 13.51 16.90 -6.84
N THR A 238 14.70 17.38 -7.17
CA THR A 238 15.95 16.64 -6.89
C THR A 238 16.41 16.65 -5.42
N ARG A 239 15.68 17.37 -4.56
CA ARG A 239 15.85 17.24 -3.11
C ARG A 239 15.15 15.96 -2.59
N LEU A 240 14.21 15.41 -3.37
CA LEU A 240 13.43 14.22 -2.97
C LEU A 240 13.45 13.11 -4.04
N PRO A 241 14.64 12.52 -4.27
CA PRO A 241 14.73 11.32 -5.10
C PRO A 241 14.14 10.10 -4.39
N ARG A 242 13.42 9.28 -5.14
CA ARG A 242 13.11 7.90 -4.74
C ARG A 242 14.37 7.03 -4.81
N ILE A 243 14.50 6.10 -3.87
CA ILE A 243 15.73 5.31 -3.70
C ILE A 243 15.46 3.89 -4.09
N ALA A 244 16.08 3.44 -5.19
CA ALA A 244 15.91 2.08 -5.68
C ALA A 244 17.14 1.28 -5.36
N LEU A 245 16.95 0.03 -4.94
CA LEU A 245 18.08 -0.90 -4.71
C LEU A 245 18.19 -1.92 -5.85
N PHE A 246 19.34 -1.92 -6.53
CA PHE A 246 19.61 -2.86 -7.64
C PHE A 246 20.67 -3.88 -7.23
N SER A 247 20.62 -5.07 -7.85
CA SER A 247 21.66 -6.09 -7.63
C SER A 247 23.00 -5.65 -8.24
N THR A 248 24.09 -6.06 -7.63
CA THR A 248 25.45 -5.78 -8.14
C THR A 248 26.09 -7.02 -8.77
N ARG A 249 25.43 -8.16 -8.63
CA ARG A 249 25.89 -9.42 -9.19
C ARG A 249 24.67 -10.34 -9.27
N THR A 250 24.86 -11.53 -9.83
CA THR A 250 23.84 -12.56 -9.83
C THR A 250 23.65 -13.01 -8.38
N ILE A 251 22.41 -13.00 -7.91
CA ILE A 251 22.06 -13.47 -6.57
C ILE A 251 21.14 -14.65 -6.75
N ASN A 252 21.63 -15.83 -6.38
CA ASN A 252 20.89 -17.06 -6.63
C ASN A 252 19.80 -17.27 -5.60
N ALA A 253 18.82 -18.11 -5.98
CA ALA A 253 17.76 -18.57 -5.09
C ALA A 253 18.37 -19.04 -3.79
N GLY A 254 17.90 -18.49 -2.67
CA GLY A 254 18.39 -18.87 -1.35
C GLY A 254 19.35 -17.89 -0.71
N GLU A 255 20.02 -17.05 -1.51
CA GLU A 255 21.06 -16.14 -0.97
C GLU A 255 20.46 -14.95 -0.24
N GLU A 256 21.16 -14.49 0.79
CA GLU A 256 20.71 -13.35 1.57
C GLU A 256 21.03 -12.04 0.83
N LEU A 257 20.09 -11.08 0.93
CA LEU A 257 20.28 -9.73 0.40
C LEU A 257 20.93 -8.87 1.46
N THR A 258 21.96 -8.13 1.03
CA THR A 258 22.74 -7.30 1.92
C THR A 258 22.97 -5.94 1.31
N PHE A 259 22.94 -4.91 2.16
CA PHE A 259 23.33 -3.56 1.75
C PHE A 259 24.33 -3.00 2.78
N ASP A 260 25.24 -2.13 2.32
CA ASP A 260 26.28 -1.53 3.19
C ASP A 260 25.80 -0.21 3.80
N TYR A 261 25.01 -0.30 4.88
CA TYR A 261 24.41 0.91 5.48
C TYR A 261 25.06 1.37 6.80
N GLN A 262 26.22 0.80 7.14
CA GLN A 262 26.98 1.24 8.30
C GLN A 262 27.79 2.49 7.92
N MET A 263 27.66 3.54 8.73
CA MET A 263 28.24 4.85 8.41
C MET A 263 29.75 4.87 8.65
N LYS A 264 30.44 5.73 7.89
CA LYS A 264 31.91 5.88 7.91
C LYS A 264 32.61 4.66 7.31
N ARG A 284 39.66 3.45 10.77
CA ARG A 284 39.06 3.85 12.04
C ARG A 284 37.83 2.99 12.38
N THR A 285 36.88 2.88 11.45
CA THR A 285 35.56 2.27 11.71
C THR A 285 35.52 0.74 11.48
N VAL A 286 35.22 -0.02 12.53
CA VAL A 286 35.19 -1.49 12.46
C VAL A 286 33.81 -1.96 11.95
N CYS A 287 33.81 -2.80 10.92
CA CYS A 287 32.57 -3.36 10.36
C CYS A 287 31.94 -4.34 11.35
N LYS A 288 30.61 -4.27 11.48
CA LYS A 288 29.84 -5.15 12.37
C LYS A 288 28.85 -5.97 11.54
N CYS A 289 29.40 -6.73 10.57
CA CYS A 289 28.61 -7.67 9.71
C CYS A 289 27.45 -8.38 10.44
CA VAL A 292 31.16 -14.23 9.74
C VAL A 292 32.51 -14.28 9.03
N THR A 293 32.68 -13.42 8.02
CA THR A 293 33.97 -13.23 7.33
C THR A 293 34.13 -11.75 6.87
N CYS A 294 34.03 -10.84 7.84
CA CYS A 294 34.25 -9.39 7.64
C CYS A 294 35.52 -9.01 6.85
N ARG A 295 35.42 -7.90 6.12
CA ARG A 295 36.60 -7.18 5.62
C ARG A 295 37.43 -6.65 6.80
N GLY A 296 36.74 -6.22 7.86
CA GLY A 296 37.37 -5.76 9.10
C GLY A 296 37.01 -4.32 9.36
N TYR A 297 37.67 -3.42 8.62
CA TYR A 297 37.42 -1.97 8.70
C TYR A 297 36.55 -1.47 7.53
N LEU A 298 35.97 -0.27 7.68
CA LEU A 298 35.19 0.40 6.63
C LEU A 298 33.94 -0.39 6.24
N LYS B 21 -13.74 25.83 22.22
CA LYS B 21 -14.00 24.46 22.75
C LYS B 21 -14.29 23.46 21.62
N GLN B 22 -15.43 23.64 20.94
CA GLN B 22 -15.88 22.73 19.85
C GLN B 22 -14.88 22.67 18.71
N ARG B 23 -14.54 23.85 18.17
CA ARG B 23 -13.68 23.98 16.97
C ARG B 23 -12.35 23.20 17.09
N ILE B 24 -11.63 23.40 18.19
CA ILE B 24 -10.33 22.75 18.40
C ILE B 24 -10.45 21.21 18.59
N ALA B 25 -11.53 20.77 19.21
CA ALA B 25 -11.76 19.32 19.46
C ALA B 25 -11.98 18.52 18.15
N LEU B 26 -12.70 19.11 17.21
CA LEU B 26 -13.01 18.46 15.92
C LEU B 26 -11.79 18.32 14.98
N GLN B 27 -10.88 19.30 15.02
CA GLN B 27 -9.65 19.25 14.22
C GLN B 27 -8.68 18.21 14.77
N ARG B 28 -8.55 18.15 16.10
CA ARG B 28 -7.79 17.08 16.76
C ARG B 28 -8.32 15.73 16.29
N TRP B 29 -9.64 15.55 16.37
CA TRP B 29 -10.30 14.34 15.87
C TRP B 29 -10.06 14.12 14.36
N GLN B 30 -10.13 15.18 13.56
CA GLN B 30 -9.85 15.08 12.12
C GLN B 30 -8.42 14.60 11.86
N ASP B 31 -7.46 15.24 12.53
CA ASP B 31 -6.03 14.86 12.38
C ASP B 31 -5.80 13.41 12.78
N GLU B 32 -6.46 12.99 13.86
CA GLU B 32 -6.43 11.58 14.32
C GLU B 32 -6.87 10.61 13.20
N LEU B 33 -8.02 10.88 12.59
CA LEU B 33 -8.57 10.02 11.53
C LEU B 33 -7.60 9.90 10.34
N ASN B 34 -6.89 10.98 10.03
CA ASN B 34 -5.95 11.00 8.88
C ASN B 34 -4.58 10.35 9.19
N ARG B 35 -4.20 10.34 10.47
CA ARG B 35 -3.08 9.51 10.92
C ARG B 35 -3.45 8.01 10.80
N ARG B 36 -4.64 7.64 11.28
CA ARG B 36 -5.08 6.21 11.33
C ARG B 36 -5.34 5.58 9.95
N LYS B 37 -5.89 6.36 9.01
CA LYS B 37 -6.21 5.85 7.66
C LYS B 37 -4.95 5.50 6.86
N ASN B 38 -5.09 4.51 5.97
CA ASN B 38 -3.98 4.05 5.11
C ASN B 38 -4.24 4.31 3.61
N HIS B 39 -5.27 5.10 3.31
CA HIS B 39 -5.65 5.40 1.90
C HIS B 39 -5.21 6.80 1.48
N LYS B 40 -5.30 7.06 0.16
CA LYS B 40 -4.75 8.27 -0.44
C LYS B 40 -5.56 9.54 -0.12
N GLY B 41 -6.88 9.49 -0.34
CA GLY B 41 -7.77 10.65 -0.15
C GLY B 41 -7.85 11.12 1.30
N MET B 42 -8.15 12.41 1.48
CA MET B 42 -8.20 13.03 2.81
C MET B 42 -9.57 12.85 3.45
N ILE B 43 -9.61 12.97 4.77
CA ILE B 43 -10.86 12.92 5.53
C ILE B 43 -11.03 14.26 6.21
N PHE B 44 -12.19 14.90 6.01
CA PHE B 44 -12.48 16.20 6.61
C PHE B 44 -13.59 16.08 7.63
N VAL B 45 -13.59 17.01 8.59
CA VAL B 45 -14.59 17.07 9.63
C VAL B 45 -15.11 18.50 9.71
N GLU B 46 -16.42 18.66 9.50
CA GLU B 46 -17.05 19.98 9.51
C GLU B 46 -18.28 19.96 10.45
N ASN B 47 -18.59 21.13 11.02
CA ASN B 47 -19.82 21.31 11.80
C ASN B 47 -20.13 22.80 11.89
N THR B 48 -21.00 23.26 10.99
CA THR B 48 -21.48 24.64 10.96
C THR B 48 -22.89 24.76 11.60
N VAL B 49 -23.37 23.68 12.20
CA VAL B 49 -24.80 23.52 12.55
C VAL B 49 -25.05 23.64 14.06
N ASP B 50 -24.35 22.82 14.86
CA ASP B 50 -24.58 22.74 16.31
C ASP B 50 -23.25 22.75 17.10
N LEU B 51 -23.32 22.49 18.41
CA LEU B 51 -22.15 22.60 19.31
C LEU B 51 -21.54 21.25 19.72
N GLU B 52 -22.18 20.13 19.35
CA GLU B 52 -21.66 18.81 19.72
C GLU B 52 -20.29 18.56 19.04
N GLY B 53 -19.42 17.85 19.77
CA GLY B 53 -18.06 17.52 19.30
C GLY B 53 -17.95 16.03 18.97
N PRO B 54 -16.69 15.52 18.86
CA PRO B 54 -16.43 14.11 18.52
C PRO B 54 -17.18 13.09 19.41
N PRO B 55 -17.49 11.90 18.85
CA PRO B 55 -18.04 10.82 19.68
C PRO B 55 -16.96 10.19 20.55
N SER B 56 -17.37 9.62 21.68
CA SER B 56 -16.42 9.18 22.72
C SER B 56 -15.62 7.94 22.30
N ASP B 57 -16.33 6.84 22.04
CA ASP B 57 -15.72 5.53 21.81
C ASP B 57 -15.87 5.06 20.35
N PHE B 58 -15.23 5.79 19.42
CA PHE B 58 -15.08 5.36 18.03
C PHE B 58 -13.61 5.34 17.63
N TYR B 59 -13.12 4.15 17.32
CA TYR B 59 -11.75 3.96 16.84
C TYR B 59 -11.79 3.63 15.34
N TYR B 60 -11.02 4.38 14.55
CA TYR B 60 -10.96 4.18 13.09
C TYR B 60 -10.11 2.96 12.74
N ILE B 61 -10.58 2.18 11.76
CA ILE B 61 -9.85 1.00 11.23
C ILE B 61 -10.02 0.87 9.72
N ASN B 62 -9.01 0.30 9.07
CA ASN B 62 -8.92 0.24 7.59
C ASN B 62 -9.39 -1.09 6.99
N GLU B 63 -9.32 -2.16 7.76
CA GLU B 63 -9.71 -3.51 7.30
C GLU B 63 -10.45 -4.23 8.42
N TYR B 64 -11.02 -5.40 8.10
CA TYR B 64 -11.74 -6.21 9.10
C TYR B 64 -10.89 -6.46 10.34
N LYS B 65 -11.49 -6.25 11.52
CA LYS B 65 -10.87 -6.53 12.81
C LYS B 65 -11.48 -7.84 13.38
N PRO B 66 -10.69 -8.93 13.43
CA PRO B 66 -11.24 -10.21 13.88
C PRO B 66 -11.39 -10.31 15.39
N ALA B 67 -12.46 -10.97 15.85
CA ALA B 67 -12.58 -11.37 17.25
C ALA B 67 -11.68 -12.60 17.51
N PRO B 68 -11.32 -12.85 18.80
CA PRO B 68 -10.44 -14.00 19.17
C PRO B 68 -10.85 -15.36 18.57
N ALA B 76 -7.11 -22.38 0.24
CA ALA B 76 -6.34 -21.29 0.83
C ALA B 76 -6.19 -20.14 -0.15
N THR B 77 -5.49 -20.40 -1.27
CA THR B 77 -5.09 -19.35 -2.21
C THR B 77 -4.89 -19.84 -3.66
N PHE B 78 -4.95 -18.86 -4.57
CA PHE B 78 -4.74 -19.06 -6.00
C PHE B 78 -4.41 -17.70 -6.61
N GLY B 79 -3.48 -17.68 -7.56
CA GLY B 79 -3.19 -16.47 -8.36
C GLY B 79 -3.26 -16.81 -9.85
N CYS B 80 -3.73 -15.85 -10.66
CA CYS B 80 -3.75 -16.03 -12.11
C CYS B 80 -2.38 -15.81 -12.68
N SER B 81 -2.23 -16.18 -13.95
CA SER B 81 -0.97 -16.07 -14.64
C SER B 81 -1.07 -15.22 -15.92
N CYS B 82 -2.09 -14.35 -16.02
CA CYS B 82 -2.29 -13.56 -17.25
C CYS B 82 -1.17 -12.57 -17.50
N THR B 83 -0.91 -12.31 -18.77
CA THR B 83 -0.15 -11.14 -19.18
C THR B 83 -1.14 -9.96 -19.33
N ASP B 84 -2.27 -10.22 -20.02
CA ASP B 84 -3.38 -9.25 -20.11
C ASP B 84 -4.60 -9.80 -19.34
N CYS B 85 -4.75 -9.34 -18.09
CA CYS B 85 -5.84 -9.80 -17.21
C CYS B 85 -7.23 -9.35 -17.70
N PHE B 86 -7.28 -8.28 -18.51
CA PHE B 86 -8.53 -7.82 -19.11
C PHE B 86 -9.13 -8.78 -20.16
N PHE B 87 -8.28 -9.55 -20.84
CA PHE B 87 -8.73 -10.43 -21.95
C PHE B 87 -8.59 -11.93 -21.68
N GLN B 88 -7.61 -12.31 -20.88
CA GLN B 88 -7.29 -13.73 -20.67
C GLN B 88 -8.16 -14.34 -19.56
N LYS B 89 -8.05 -15.65 -19.37
CA LYS B 89 -8.80 -16.35 -18.33
C LYS B 89 -8.14 -16.07 -16.96
N CYS B 90 -8.79 -15.20 -16.21
CA CYS B 90 -8.22 -14.57 -15.05
C CYS B 90 -8.87 -15.11 -13.76
N CYS B 91 -8.55 -14.47 -12.65
CA CYS B 91 -9.10 -14.81 -11.32
C CYS B 91 -10.64 -15.01 -11.31
N PRO B 92 -11.42 -14.09 -11.91
CA PRO B 92 -12.89 -14.27 -11.97
C PRO B 92 -13.36 -15.53 -12.72
N ALA B 93 -12.69 -15.86 -13.83
CA ALA B 93 -13.01 -17.09 -14.60
C ALA B 93 -12.69 -18.38 -13.81
N GLU B 94 -11.73 -18.33 -12.89
CA GLU B 94 -11.45 -19.46 -11.99
C GLU B 94 -12.61 -19.71 -11.02
N ALA B 95 -13.22 -18.62 -10.53
CA ALA B 95 -14.44 -18.72 -9.71
C ALA B 95 -15.72 -18.97 -10.52
N GLY B 96 -15.61 -19.04 -11.86
CA GLY B 96 -16.76 -19.30 -12.74
C GLY B 96 -17.54 -18.06 -13.16
N VAL B 97 -17.08 -16.88 -12.76
CA VAL B 97 -17.80 -15.62 -13.00
C VAL B 97 -17.03 -14.74 -14.00
N LEU B 98 -17.39 -13.45 -14.10
CA LEU B 98 -16.81 -12.52 -15.07
C LEU B 98 -16.03 -11.40 -14.41
N LEU B 99 -15.11 -10.81 -15.17
CA LEU B 99 -14.34 -9.64 -14.73
C LEU B 99 -15.31 -8.50 -14.39
N ALA B 100 -15.20 -7.97 -13.18
CA ALA B 100 -16.17 -7.03 -12.65
C ALA B 100 -16.16 -5.66 -13.36
N TYR B 101 -15.01 -5.30 -13.93
CA TYR B 101 -14.73 -3.95 -14.34
C TYR B 101 -14.46 -3.79 -15.86
N ASN B 102 -14.77 -2.60 -16.38
CA ASN B 102 -14.41 -2.20 -17.76
C ASN B 102 -13.19 -1.27 -17.75
N LYS B 103 -12.74 -0.90 -18.96
CA LYS B 103 -11.60 0.01 -19.17
C LYS B 103 -11.58 1.23 -18.24
N ASN B 104 -12.75 1.84 -18.03
CA ASN B 104 -12.87 3.08 -17.21
C ASN B 104 -12.97 2.84 -15.69
N GLN B 105 -12.66 1.61 -15.23
CA GLN B 105 -12.72 1.23 -13.79
C GLN B 105 -14.15 1.20 -13.21
N GLN B 106 -15.16 1.07 -14.07
CA GLN B 106 -16.54 0.99 -13.62
C GLN B 106 -16.99 -0.44 -13.48
N ILE B 107 -17.79 -0.72 -12.44
CA ILE B 107 -18.38 -2.04 -12.27
C ILE B 107 -19.43 -2.32 -13.36
N LYS B 108 -19.25 -3.42 -14.09
CA LYS B 108 -20.16 -3.78 -15.20
C LYS B 108 -21.03 -5.01 -14.88
N ILE B 109 -20.89 -5.57 -13.67
CA ILE B 109 -21.58 -6.79 -13.31
C ILE B 109 -22.78 -6.46 -12.44
N PRO B 110 -23.84 -7.29 -12.51
CA PRO B 110 -25.08 -6.97 -11.82
C PRO B 110 -24.99 -7.33 -10.34
N PRO B 111 -25.74 -6.63 -9.47
CA PRO B 111 -25.82 -6.88 -8.02
C PRO B 111 -25.97 -8.35 -7.68
N GLY B 112 -25.34 -8.79 -6.58
CA GLY B 112 -25.29 -10.20 -6.19
C GLY B 112 -24.14 -11.01 -6.81
N THR B 113 -23.44 -10.41 -7.79
CA THR B 113 -22.30 -11.06 -8.44
C THR B 113 -21.06 -10.75 -7.62
N PRO B 114 -20.24 -11.77 -7.30
CA PRO B 114 -19.04 -11.55 -6.48
C PRO B 114 -17.87 -10.98 -7.28
N ILE B 115 -17.09 -10.08 -6.66
CA ILE B 115 -15.87 -9.53 -7.27
C ILE B 115 -14.66 -10.34 -6.81
N TYR B 116 -14.01 -11.05 -7.75
CA TYR B 116 -12.70 -11.66 -7.52
C TYR B 116 -11.63 -10.80 -8.16
N GLU B 117 -10.97 -10.01 -7.31
CA GLU B 117 -9.86 -9.20 -7.75
C GLU B 117 -8.59 -10.04 -7.83
N CYS B 118 -7.65 -9.56 -8.63
CA CYS B 118 -6.31 -10.10 -8.63
C CYS B 118 -5.67 -9.80 -7.28
N ASN B 119 -4.73 -10.65 -6.90
CA ASN B 119 -4.24 -10.69 -5.53
C ASN B 119 -2.72 -10.84 -5.47
N SER B 120 -2.18 -11.04 -4.26
CA SER B 120 -0.73 -11.08 -4.06
C SER B 120 -0.02 -12.29 -4.69
N ARG B 121 -0.77 -13.37 -4.98
CA ARG B 121 -0.22 -14.54 -5.70
C ARG B 121 -0.25 -14.43 -7.24
N CYS B 122 -0.89 -13.37 -7.78
CA CYS B 122 -1.04 -13.21 -9.23
C CYS B 122 0.27 -12.70 -9.85
N GLN B 123 0.40 -12.89 -11.17
CA GLN B 123 1.60 -12.47 -11.89
C GLN B 123 1.58 -11.02 -12.36
N CYS B 124 0.43 -10.35 -12.20
CA CYS B 124 0.27 -8.96 -12.60
C CYS B 124 0.64 -7.99 -11.50
N GLY B 125 1.01 -6.77 -11.90
CA GLY B 125 1.30 -5.67 -10.96
C GLY B 125 0.07 -4.80 -10.73
N PRO B 126 0.25 -3.64 -10.04
CA PRO B 126 -0.87 -2.72 -9.77
C PRO B 126 -1.44 -2.00 -11.03
N ASP B 127 -0.78 -2.15 -12.19
CA ASP B 127 -1.36 -1.76 -13.48
C ASP B 127 -2.65 -2.54 -13.81
N CYS B 128 -2.81 -3.73 -13.25
CA CYS B 128 -3.94 -4.62 -13.56
C CYS B 128 -5.31 -3.95 -13.42
N PRO B 129 -6.16 -4.06 -14.47
CA PRO B 129 -7.51 -3.48 -14.36
C PRO B 129 -8.46 -4.22 -13.39
N ASN B 130 -8.03 -5.38 -12.86
CA ASN B 130 -8.75 -6.11 -11.83
C ASN B 130 -8.22 -5.84 -10.39
N ARG B 131 -7.68 -4.65 -10.16
CA ARG B 131 -7.27 -4.20 -8.82
C ARG B 131 -7.85 -2.81 -8.53
N ILE B 132 -9.11 -2.77 -8.07
CA ILE B 132 -9.79 -1.51 -7.74
C ILE B 132 -10.03 -1.35 -6.23
N VAL B 133 -10.83 -2.25 -5.65
CA VAL B 133 -11.18 -2.20 -4.21
C VAL B 133 -9.93 -2.18 -3.33
N GLN B 134 -8.98 -3.05 -3.66
CA GLN B 134 -7.75 -3.17 -2.89
C GLN B 134 -6.89 -1.91 -2.86
N LYS B 135 -7.00 -1.05 -3.88
CA LYS B 135 -6.26 0.23 -3.91
C LYS B 135 -6.72 1.26 -2.86
N GLY B 136 -7.88 1.05 -2.24
CA GLY B 136 -8.35 1.90 -1.15
C GLY B 136 -9.27 3.01 -1.59
N THR B 137 -9.84 3.70 -0.61
CA THR B 137 -10.76 4.82 -0.84
C THR B 137 -10.11 5.92 -1.70
N GLN B 138 -10.74 6.20 -2.85
CA GLN B 138 -10.18 7.13 -3.85
C GLN B 138 -10.40 8.60 -3.50
N TYR B 139 -11.59 8.90 -2.97
CA TYR B 139 -12.11 10.27 -2.93
C TYR B 139 -11.96 10.91 -1.54
N SER B 140 -11.91 12.25 -1.54
CA SER B 140 -11.88 13.00 -0.29
C SER B 140 -13.29 13.08 0.24
N LEU B 141 -13.48 12.59 1.46
CA LEU B 141 -14.78 12.52 2.10
C LEU B 141 -14.81 13.48 3.28
N CYS B 142 -16.00 13.97 3.61
CA CYS B 142 -16.18 14.90 4.71
C CYS B 142 -17.24 14.36 5.66
N ILE B 143 -16.87 14.22 6.94
CA ILE B 143 -17.83 13.90 7.98
C ILE B 143 -18.39 15.23 8.50
N PHE B 144 -19.68 15.45 8.27
CA PHE B 144 -20.33 16.73 8.59
C PHE B 144 -21.54 16.50 9.48
N ARG B 145 -21.91 17.49 10.29
CA ARG B 145 -23.09 17.41 11.17
C ARG B 145 -24.34 17.79 10.35
N THR B 146 -25.34 16.92 10.34
CA THR B 146 -26.56 17.15 9.56
C THR B 146 -27.38 18.30 10.14
N SER B 147 -28.10 19.01 9.26
CA SER B 147 -28.96 20.12 9.66
C SER B 147 -30.45 19.72 9.62
N ASN B 148 -30.76 18.53 10.13
CA ASN B 148 -32.16 18.11 10.40
C ASN B 148 -32.23 16.97 11.45
N GLY B 149 -31.40 17.07 12.49
CA GLY B 149 -31.44 16.15 13.63
C GLY B 149 -30.90 14.74 13.43
N ARG B 150 -30.35 14.43 12.25
CA ARG B 150 -29.92 13.05 11.93
C ARG B 150 -28.54 12.65 12.52
N GLY B 151 -27.87 13.60 13.17
CA GLY B 151 -26.56 13.35 13.75
C GLY B 151 -25.49 13.60 12.71
N TRP B 152 -24.42 12.81 12.76
CA TRP B 152 -23.33 12.93 11.79
C TRP B 152 -23.71 12.30 10.44
N GLY B 153 -23.00 12.71 9.38
CA GLY B 153 -23.21 12.19 8.02
C GLY B 153 -21.95 12.35 7.17
N VAL B 154 -21.92 11.72 5.99
CA VAL B 154 -20.75 11.77 5.09
C VAL B 154 -21.13 12.35 3.73
N LYS B 155 -20.30 13.27 3.23
CA LYS B 155 -20.47 13.85 1.89
C LYS B 155 -19.14 13.87 1.16
N THR B 156 -19.20 13.85 -0.18
CA THR B 156 -17.98 13.87 -1.01
C THR B 156 -17.56 15.32 -1.37
N LEU B 157 -16.26 15.58 -1.37
CA LEU B 157 -15.72 16.86 -1.80
C LEU B 157 -15.43 16.89 -3.33
N VAL B 158 -15.66 15.76 -4.01
CA VAL B 158 -15.45 15.66 -5.46
C VAL B 158 -16.55 14.84 -6.12
N LYS B 159 -16.79 15.12 -7.40
CA LYS B 159 -17.73 14.36 -8.21
C LYS B 159 -17.27 12.91 -8.25
N ILE B 160 -18.22 11.99 -8.08
CA ILE B 160 -17.94 10.54 -8.16
C ILE B 160 -18.71 9.94 -9.34
N LYS B 161 -17.98 9.29 -10.25
CA LYS B 161 -18.61 8.60 -11.38
C LYS B 161 -19.56 7.50 -10.90
N ARG B 162 -20.66 7.33 -11.63
CA ARG B 162 -21.56 6.20 -11.41
C ARG B 162 -20.82 4.86 -11.57
N MET B 163 -21.27 3.84 -10.83
CA MET B 163 -20.71 2.48 -10.90
C MET B 163 -19.20 2.44 -10.59
N SER B 164 -18.78 3.20 -9.58
CA SER B 164 -17.36 3.36 -9.21
C SER B 164 -17.17 3.14 -7.71
N PHE B 165 -16.02 2.59 -7.36
CA PHE B 165 -15.71 2.27 -5.96
C PHE B 165 -15.56 3.54 -5.12
N VAL B 166 -16.14 3.53 -3.93
CA VAL B 166 -16.03 4.63 -2.96
C VAL B 166 -15.18 4.20 -1.76
N MET B 167 -15.65 3.17 -1.04
CA MET B 167 -15.00 2.71 0.18
C MET B 167 -15.56 1.38 0.64
N GLU B 168 -14.79 0.63 1.43
CA GLU B 168 -15.30 -0.60 2.04
C GLU B 168 -16.11 -0.31 3.30
N TYR B 169 -17.03 -1.22 3.61
CA TYR B 169 -17.61 -1.32 4.94
C TYR B 169 -16.71 -2.23 5.74
N VAL B 170 -16.25 -1.75 6.91
CA VAL B 170 -15.37 -2.51 7.79
C VAL B 170 -15.87 -2.39 9.23
N GLY B 171 -15.43 -3.33 10.06
CA GLY B 171 -15.79 -3.37 11.47
C GLY B 171 -15.31 -4.62 12.17
N GLU B 172 -15.78 -4.83 13.39
CA GLU B 172 -15.50 -6.06 14.12
C GLU B 172 -16.23 -7.22 13.44
N VAL B 173 -15.50 -8.30 13.14
CA VAL B 173 -16.10 -9.52 12.57
C VAL B 173 -16.43 -10.49 13.70
N ILE B 174 -17.69 -10.93 13.75
CA ILE B 174 -18.21 -11.74 14.85
C ILE B 174 -19.12 -12.84 14.34
N THR B 175 -19.43 -13.79 15.23
CA THR B 175 -20.33 -14.90 14.92
C THR B 175 -21.78 -14.43 14.91
N SER B 176 -22.62 -15.19 14.21
CA SER B 176 -24.08 -14.98 14.23
C SER B 176 -24.62 -15.06 15.66
N GLU B 177 -24.07 -15.98 16.45
CA GLU B 177 -24.38 -16.08 17.88
C GLU B 177 -24.07 -14.77 18.63
N GLU B 178 -22.83 -14.30 18.53
CA GLU B 178 -22.37 -13.07 19.22
C GLU B 178 -23.11 -11.82 18.75
N ALA B 179 -23.49 -11.78 17.47
CA ALA B 179 -24.22 -10.66 16.88
C ALA B 179 -25.67 -10.56 17.39
N GLU B 180 -26.30 -11.72 17.64
CA GLU B 180 -27.67 -11.76 18.20
C GLU B 180 -27.73 -11.14 19.62
N ARG B 181 -26.72 -11.45 20.45
CA ARG B 181 -26.60 -10.85 21.79
C ARG B 181 -26.40 -9.33 21.70
N ARG B 182 -25.44 -8.89 20.88
CA ARG B 182 -25.20 -7.46 20.64
C ARG B 182 -26.43 -6.75 20.04
N GLY B 183 -27.14 -7.45 19.15
CA GLY B 183 -28.30 -6.87 18.44
C GLY B 183 -29.46 -6.43 19.33
N GLN B 184 -29.58 -7.05 20.52
CA GLN B 184 -30.65 -6.73 21.48
C GLN B 184 -30.76 -5.23 21.84
N PHE B 185 -29.61 -4.55 21.93
CA PHE B 185 -29.58 -3.07 22.11
C PHE B 185 -29.94 -2.36 20.79
N ILE B 191 -32.31 0.20 11.87
CA ILE B 191 -31.29 1.21 12.20
C ILE B 191 -30.23 0.63 13.16
N THR B 192 -29.32 -0.17 12.59
CA THR B 192 -28.28 -0.91 13.34
C THR B 192 -26.93 -0.74 12.65
N TYR B 193 -25.86 -1.11 13.35
CA TYR B 193 -24.50 -1.16 12.76
C TYR B 193 -24.10 -2.58 12.28
N LEU B 194 -24.99 -3.56 12.51
CA LEU B 194 -24.72 -4.94 12.15
C LEU B 194 -25.05 -5.19 10.67
N PHE B 195 -24.13 -5.87 10.00
CA PHE B 195 -24.31 -6.24 8.60
C PHE B 195 -23.83 -7.68 8.37
N ASP B 196 -24.78 -8.57 8.04
CA ASP B 196 -24.48 -10.02 7.87
C ASP B 196 -23.71 -10.28 6.59
N LEU B 197 -22.62 -11.05 6.69
CA LEU B 197 -21.84 -11.46 5.55
C LEU B 197 -22.47 -12.72 4.93
N ASP B 198 -23.68 -12.56 4.40
CA ASP B 198 -24.50 -13.72 3.98
C ASP B 198 -24.58 -13.88 2.46
N TYR B 199 -23.46 -13.66 1.79
CA TYR B 199 -23.32 -13.95 0.38
C TYR B 199 -23.61 -15.44 0.16
N GLU B 200 -22.85 -16.31 0.83
CA GLU B 200 -23.14 -17.76 0.86
C GLU B 200 -23.53 -18.34 2.22
N SER B 201 -23.02 -17.75 3.32
CA SER B 201 -23.04 -18.39 4.64
C SER B 201 -23.65 -17.50 5.71
N ASP B 202 -24.31 -18.13 6.69
CA ASP B 202 -25.00 -17.39 7.78
C ASP B 202 -24.11 -17.15 9.03
N GLU B 203 -22.86 -17.63 9.00
CA GLU B 203 -21.99 -17.69 10.19
C GLU B 203 -21.51 -16.32 10.70
N PHE B 204 -21.13 -15.42 9.78
CA PHE B 204 -20.37 -14.21 10.16
C PHE B 204 -21.10 -12.89 9.89
N THR B 205 -20.98 -11.97 10.84
CA THR B 205 -21.56 -10.63 10.77
C THR B 205 -20.48 -9.57 11.06
N VAL B 206 -20.62 -8.40 10.44
CA VAL B 206 -19.72 -7.26 10.68
C VAL B 206 -20.44 -6.28 11.57
N ASP B 207 -19.83 -5.95 12.71
CA ASP B 207 -20.31 -4.91 13.63
C ASP B 207 -19.36 -3.73 13.58
N ALA B 208 -19.89 -2.57 13.20
CA ALA B 208 -19.11 -1.33 13.13
C ALA B 208 -19.53 -0.29 14.20
N ALA B 209 -20.05 -0.77 15.33
CA ALA B 209 -20.54 0.14 16.40
C ALA B 209 -19.39 0.93 16.98
N ARG B 210 -18.34 0.23 17.40
CA ARG B 210 -17.15 0.84 18.01
C ARG B 210 -16.04 1.07 16.99
N TYR B 211 -15.80 0.07 16.14
CA TYR B 211 -14.67 0.08 15.19
C TYR B 211 -15.16 0.16 13.75
N GLY B 212 -14.66 1.12 12.96
CA GLY B 212 -15.04 1.23 11.55
C GLY B 212 -14.24 2.29 10.81
N ASN B 213 -14.59 2.51 9.54
CA ASN B 213 -14.04 3.64 8.75
C ASN B 213 -15.13 4.69 8.61
N VAL B 214 -14.98 5.66 7.70
CA VAL B 214 -16.00 6.73 7.56
C VAL B 214 -17.43 6.23 7.21
N SER B 215 -17.54 5.02 6.63
CA SER B 215 -18.86 4.37 6.36
C SER B 215 -19.72 4.19 7.62
N HIS B 216 -19.09 4.07 8.79
CA HIS B 216 -19.77 4.17 10.11
C HIS B 216 -20.73 5.37 10.20
N PHE B 217 -20.34 6.51 9.62
CA PHE B 217 -21.15 7.74 9.70
C PHE B 217 -22.19 7.94 8.58
N VAL B 218 -22.18 7.07 7.56
CA VAL B 218 -23.12 7.16 6.43
C VAL B 218 -24.57 7.03 6.91
N ASN B 219 -25.45 7.90 6.43
CA ASN B 219 -26.86 7.92 6.87
C ASN B 219 -27.75 7.05 6.01
N HIS B 220 -28.95 6.74 6.53
CA HIS B 220 -29.91 5.92 5.83
C HIS B 220 -30.64 6.74 4.77
N SER B 221 -30.78 6.15 3.59
CA SER B 221 -31.73 6.63 2.59
C SER B 221 -32.46 5.45 2.02
N CYS B 222 -33.76 5.61 1.79
CA CYS B 222 -34.55 4.60 1.09
C CYS B 222 -34.32 4.70 -0.44
N ASP B 223 -33.63 5.77 -0.88
CA ASP B 223 -33.11 5.90 -2.23
C ASP B 223 -31.59 6.17 -2.16
N PRO B 224 -30.79 5.13 -1.89
CA PRO B 224 -29.36 5.30 -1.65
C PRO B 224 -28.54 5.58 -2.91
N ASN B 225 -27.36 6.19 -2.73
CA ASN B 225 -26.40 6.35 -3.82
C ASN B 225 -25.17 5.41 -3.65
N LEU B 226 -25.27 4.46 -2.70
CA LEU B 226 -24.25 3.41 -2.49
C LEU B 226 -24.93 2.04 -2.51
N GLN B 227 -24.21 1.04 -3.04
CA GLN B 227 -24.67 -0.33 -3.05
C GLN B 227 -23.51 -1.25 -2.69
N VAL B 228 -23.84 -2.45 -2.21
CA VAL B 228 -22.84 -3.41 -1.76
C VAL B 228 -22.46 -4.39 -2.87
N PHE B 229 -21.15 -4.65 -3.00
CA PHE B 229 -20.65 -5.83 -3.71
C PHE B 229 -19.71 -6.64 -2.81
N ASN B 230 -19.85 -7.96 -2.86
CA ASN B 230 -18.93 -8.90 -2.19
C ASN B 230 -17.63 -8.98 -2.95
N VAL B 231 -16.52 -8.90 -2.22
CA VAL B 231 -15.20 -8.88 -2.83
C VAL B 231 -14.30 -9.93 -2.20
N PHE B 232 -13.53 -10.59 -3.05
CA PHE B 232 -12.52 -11.56 -2.65
C PHE B 232 -11.20 -11.17 -3.31
N ILE B 233 -10.18 -10.97 -2.48
CA ILE B 233 -8.84 -10.61 -2.93
C ILE B 233 -7.90 -11.76 -2.50
N ASP B 234 -7.27 -11.67 -1.33
CA ASP B 234 -6.38 -12.76 -0.85
C ASP B 234 -7.21 -13.94 -0.28
N ASN B 235 -8.25 -13.61 0.46
CA ASN B 235 -9.19 -14.59 0.97
C ASN B 235 -10.13 -15.12 -0.12
N LEU B 236 -10.18 -16.44 -0.28
CA LEU B 236 -11.16 -17.08 -1.18
C LEU B 236 -12.30 -17.80 -0.43
N ASP B 237 -12.28 -17.79 0.90
CA ASP B 237 -13.38 -18.39 1.70
C ASP B 237 -14.65 -17.52 1.62
N THR B 238 -15.70 -18.06 0.96
CA THR B 238 -16.95 -17.30 0.71
C THR B 238 -17.80 -17.04 1.96
N ARG B 239 -17.42 -17.61 3.10
CA ARG B 239 -18.00 -17.22 4.39
C ARG B 239 -17.58 -15.80 4.81
N LEU B 240 -16.45 -15.32 4.31
CA LEU B 240 -15.88 -14.04 4.76
C LEU B 240 -15.59 -13.13 3.57
N PRO B 241 -16.65 -12.64 2.90
CA PRO B 241 -16.48 -11.64 1.86
C PRO B 241 -16.17 -10.28 2.45
N ARG B 242 -15.27 -9.55 1.80
CA ARG B 242 -15.13 -8.12 2.05
C ARG B 242 -16.24 -7.37 1.33
N ILE B 243 -16.72 -6.31 1.99
CA ILE B 243 -17.89 -5.55 1.55
C ILE B 243 -17.45 -4.19 1.00
N ALA B 244 -17.57 -4.03 -0.33
CA ALA B 244 -17.22 -2.79 -1.03
C ALA B 244 -18.48 -1.98 -1.33
N LEU B 245 -18.40 -0.66 -1.23
CA LEU B 245 -19.54 0.23 -1.52
C LEU B 245 -19.32 0.97 -2.82
N PHE B 246 -20.22 0.75 -3.78
CA PHE B 246 -20.15 1.39 -5.09
C PHE B 246 -21.28 2.36 -5.24
N SER B 247 -21.05 3.41 -6.02
CA SER B 247 -22.08 4.34 -6.40
C SER B 247 -23.13 3.65 -7.29
N THR B 248 -24.39 4.03 -7.09
CA THR B 248 -25.53 3.59 -7.91
C THR B 248 -25.90 4.61 -8.98
N ARG B 249 -25.26 5.77 -8.92
CA ARG B 249 -25.49 6.86 -9.87
C ARG B 249 -24.36 7.88 -9.69
N THR B 250 -24.30 8.86 -10.58
CA THR B 250 -23.36 9.96 -10.43
C THR B 250 -23.67 10.70 -9.12
N ILE B 251 -22.61 11.06 -8.39
CA ILE B 251 -22.74 11.83 -7.14
C ILE B 251 -21.93 13.11 -7.30
N ASN B 252 -22.59 14.26 -7.18
CA ASN B 252 -21.92 15.55 -7.42
C ASN B 252 -21.12 15.99 -6.20
N ALA B 253 -20.08 16.79 -6.45
CA ALA B 253 -19.29 17.40 -5.37
C ALA B 253 -20.21 18.12 -4.37
N GLY B 254 -20.09 17.77 -3.09
CA GLY B 254 -20.94 18.32 -2.03
C GLY B 254 -22.17 17.50 -1.64
N GLU B 255 -22.51 16.48 -2.44
CA GLU B 255 -23.69 15.63 -2.15
C GLU B 255 -23.38 14.59 -1.06
N GLU B 256 -24.40 14.30 -0.24
CA GLU B 256 -24.28 13.33 0.85
C GLU B 256 -24.32 11.88 0.34
N LEU B 257 -23.56 11.01 0.98
CA LEU B 257 -23.58 9.57 0.67
C LEU B 257 -24.56 8.84 1.57
N THR B 258 -25.28 7.88 1.00
CA THR B 258 -26.30 7.16 1.73
C THR B 258 -26.39 5.69 1.33
N PHE B 259 -26.85 4.86 2.28
CA PHE B 259 -27.04 3.42 2.09
C PHE B 259 -28.36 2.97 2.72
N ASP B 260 -28.98 1.95 2.11
CA ASP B 260 -30.30 1.44 2.53
C ASP B 260 -30.12 0.28 3.51
N TYR B 261 -29.96 0.63 4.79
CA TYR B 261 -29.89 -0.35 5.88
C TYR B 261 -31.11 -0.13 6.78
N GLN B 262 -31.80 -1.22 7.13
CA GLN B 262 -33.01 -1.16 7.99
C GLN B 262 -33.68 -2.53 8.08
C1 NM4 C . 19.02 0.51 3.00
N1 NM4 C . 18.73 -1.70 12.92
O1 NM4 C . 19.36 1.70 6.49
N2 NM4 C . 20.08 -2.53 15.78
C3 NM4 C . 19.12 0.92 5.39
C4 NM4 C . 19.81 3.06 6.30
N4 NM4 C . 18.92 -0.23 8.13
C5 NM4 C . 18.64 -0.80 3.28
C6 NM4 C . 18.50 -1.25 4.57
C7 NM4 C . 18.72 -0.40 5.66
C8 NM4 C . 18.53 -0.95 7.01
C11 NM4 C . 18.95 -0.83 10.58
C12 NM4 C . 18.62 -1.88 11.48
C14 NM4 C . 18.70 -0.61 15.01
C15 NM4 C . 18.76 -2.11 15.26
C22 NM4 C . 18.39 -2.73 13.90
C23 NM4 C . 18.12 -3.10 10.92
C24 NM4 C . 17.92 -3.30 9.61
CL NM4 C . 18.33 -1.90 1.97
O NM4 C . 19.15 0.85 1.68
C NM4 C . 19.27 2.23 1.34
C2 NM4 C . 19.26 1.37 4.07
C10 NM4 C . 18.71 -1.05 9.17
N NM4 C . 18.20 -2.27 8.74
C9 NM4 C . 18.06 -2.19 7.38
C13 NM4 C . 19.21 -0.47 13.58
ZN ZN D . 32.02 -6.89 7.41
ZN ZN E . 10.51 8.08 -24.44
ZN ZN F . 9.32 9.22 -21.28
ZN ZN G . 9.00 5.56 -22.44
UNK UNX H . 20.40 10.25 -2.44
C1 NM4 I . -23.41 0.03 5.68
N1 NM4 I . -27.01 4.44 14.09
O1 NM4 I . -25.09 -0.38 8.94
C3 NM4 I . -24.44 0.16 7.87
C4 NM4 I . -25.89 -1.54 8.72
N4 NM4 I . -25.38 1.94 10.10
C5 NM4 I . -23.15 1.40 5.75
C6 NM4 I . -23.52 2.15 6.85
C7 NM4 I . -24.18 1.55 7.94
C8 NM4 I . -24.53 2.40 9.09
C11 NM4 I . -26.34 3.08 12.12
C12 NM4 I . -26.36 4.31 12.81
C14 NM4 I . -28.45 4.03 15.90
C15 NM4 I . -27.62 5.28 16.22
C22 NM4 I . -27.07 5.68 14.86
C23 NM4 I . -25.64 5.41 12.24
C24 NM4 I . -24.91 5.31 11.12
CL NM4 I . -22.32 2.19 4.44
O NM4 I . -23.05 -0.60 4.52
C NM4 I . -23.02 -2.02 4.50
C2 NM4 I . -24.05 -0.57 6.76
C10 NM4 I . -25.57 2.97 10.92
N NM4 I . -24.86 4.09 10.47
C9 NM4 I . -24.19 3.71 9.32
C13 NM4 I . -27.66 3.33 14.81
ZN ZN J . -5.32 -12.28 -14.43
ZN ZN K . -5.34 -12.47 -10.85
ZN ZN L . -4.42 -9.19 -12.72
UNK UNX M . -35.34 8.02 3.70
#